data_7WQY
#
_entry.id   7WQY
#
_cell.length_a   121.571
_cell.length_b   43.688
_cell.length_c   87.841
_cell.angle_alpha   90.000
_cell.angle_beta   131.530
_cell.angle_gamma   90.000
#
_symmetry.space_group_name_H-M   'C 1 2 1'
#
loop_
_entity.id
_entity.type
_entity.pdbx_description
1 polymer ARF1
2 non-polymer "GUANOSINE-5'-DIPHOSPHATE"
3 water water
#
_entity_poly.entity_id   1
_entity_poly.type   'polypeptide(L)'
_entity_poly.pdbx_seq_one_letter_code
;MGNIFGNLLKSLIGKKEMRILMVGLDAAGKTTILYKLKLGEIVTTIPTIGFNVETVEYKNISFTVWDVGGQDKIRPLWRH
YFQNTQGLIFVVDSNDRERVNEAREELMRMLAEDELRDAVLLVFANKQDLPNAMNAAEITDKLGLHSLRHRNWYIQATCA
TSGDGLYEGLDWLANQLKNKK
;
_entity_poly.pdbx_strand_id   A,B
#
loop_
_chem_comp.id
_chem_comp.type
_chem_comp.name
_chem_comp.formula
GDP RNA linking GUANOSINE-5'-DIPHOSPHATE 'C10 H15 N5 O11 P2'
#
# COMPACT_ATOMS: atom_id res chain seq x y z
N ASN A 3 -7.93 -10.09 21.76
CA ASN A 3 -8.60 -9.34 20.70
C ASN A 3 -7.68 -9.20 19.49
N ILE A 4 -7.99 -9.83 18.36
CA ILE A 4 -7.07 -9.73 17.24
C ILE A 4 -7.01 -8.29 16.74
N PHE A 5 -8.13 -7.58 16.77
CA PHE A 5 -8.09 -6.24 16.19
C PHE A 5 -7.34 -5.27 17.08
N GLY A 6 -7.44 -5.45 18.40
CA GLY A 6 -6.58 -4.67 19.29
C GLY A 6 -5.12 -4.91 19.00
N ASN A 7 -4.73 -6.17 18.88
CA ASN A 7 -3.32 -6.48 18.60
C ASN A 7 -2.90 -5.92 17.26
N LEU A 8 -3.81 -5.96 16.28
CA LEU A 8 -3.46 -5.41 14.97
C LEU A 8 -3.15 -3.92 15.06
N LEU A 9 -3.86 -3.18 15.90
CA LEU A 9 -3.77 -1.73 15.89
C LEU A 9 -2.61 -1.20 16.75
N LYS A 10 -1.90 -2.09 17.47
CA LYS A 10 -0.97 -1.67 18.49
C LYS A 10 0.17 -0.83 17.91
N SER A 11 0.61 -1.14 16.70
CA SER A 11 1.62 -0.31 16.05
C SER A 11 1.20 1.15 15.97
N LEU A 12 -0.08 1.45 16.19
CA LEU A 12 -0.61 2.80 16.05
C LEU A 12 -0.79 3.50 17.39
N ILE A 13 -0.57 2.82 18.50
CA ILE A 13 -0.80 3.44 19.81
C ILE A 13 0.29 4.47 20.08
N GLY A 14 -0.11 5.60 20.64
CA GLY A 14 0.81 6.68 20.93
C GLY A 14 0.10 7.79 21.67
N LYS A 15 0.77 8.95 21.70
CA LYS A 15 0.19 10.12 22.33
C LYS A 15 -0.73 10.87 21.38
N LYS A 16 -0.55 10.70 20.08
CA LYS A 16 -1.29 11.45 19.06
C LYS A 16 -2.57 10.73 18.67
N GLU A 17 -3.66 11.49 18.60
CA GLU A 17 -4.99 10.94 18.38
C GLU A 17 -5.15 10.50 16.93
N MET A 18 -5.17 9.18 16.70
CA MET A 18 -5.40 8.64 15.36
C MET A 18 -6.90 8.59 15.07
N ARG A 19 -7.33 9.19 13.97
CA ARG A 19 -8.74 9.33 13.64
C ARG A 19 -9.02 8.50 12.39
N ILE A 20 -9.84 7.46 12.52
CA ILE A 20 -10.30 6.69 11.36
C ILE A 20 -11.78 6.95 11.15
N LEU A 21 -12.14 7.34 9.93
CA LEU A 21 -13.51 7.63 9.59
C LEU A 21 -14.04 6.46 8.77
N MET A 22 -15.22 5.94 9.14
CA MET A 22 -15.91 4.88 8.42
C MET A 22 -17.24 5.43 7.98
N VAL A 23 -17.46 5.53 6.67
CA VAL A 23 -18.68 6.09 6.12
C VAL A 23 -19.18 5.19 5.00
N GLY A 24 -20.41 5.48 4.59
CA GLY A 24 -21.11 4.72 3.60
C GLY A 24 -22.59 5.06 3.66
N LEU A 25 -23.32 4.64 2.63
CA LEU A 25 -24.78 4.75 2.65
C LEU A 25 -25.38 4.01 3.85
N ASP A 26 -26.58 4.43 4.24
CA ASP A 26 -27.28 3.74 5.30
C ASP A 26 -27.43 2.27 4.92
N ALA A 27 -27.34 1.39 5.91
CA ALA A 27 -27.51 -0.06 5.77
C ALA A 27 -26.31 -0.78 5.14
N ALA A 28 -25.19 -0.11 4.94
CA ALA A 28 -24.01 -0.75 4.36
C ALA A 28 -23.39 -1.79 5.32
N GLY A 29 -23.73 -1.76 6.61
CA GLY A 29 -23.11 -2.61 7.62
C GLY A 29 -22.06 -1.97 8.54
N LYS A 30 -22.05 -0.64 8.68
CA LYS A 30 -20.97 0.02 9.40
C LYS A 30 -21.03 -0.23 10.90
N THR A 31 -22.22 -0.11 11.51
CA THR A 31 -22.38 -0.39 12.93
C THR A 31 -22.02 -1.84 13.25
N THR A 32 -22.43 -2.77 12.37
CA THR A 32 -22.11 -4.19 12.52
C THR A 32 -20.60 -4.38 12.56
N ILE A 33 -19.86 -3.72 11.65
CA ILE A 33 -18.40 -3.81 11.63
C ILE A 33 -17.81 -3.30 12.93
N LEU A 34 -18.24 -2.10 13.35
CA LEU A 34 -17.78 -1.52 14.60
C LEU A 34 -18.01 -2.46 15.76
N TYR A 35 -19.21 -3.01 15.86
CA TYR A 35 -19.49 -3.96 16.93
C TYR A 35 -18.57 -5.18 16.85
N LYS A 36 -18.27 -5.66 15.64
CA LYS A 36 -17.44 -6.86 15.53
C LYS A 36 -16.00 -6.63 15.96
N LEU A 37 -15.53 -5.39 15.92
CA LEU A 37 -14.12 -5.12 16.19
C LEU A 37 -13.81 -5.32 17.66
N LYS A 38 -14.81 -5.15 18.53
CA LYS A 38 -14.67 -5.43 19.96
C LYS A 38 -13.56 -4.58 20.57
N LEU A 39 -13.52 -3.32 20.16
CA LEU A 39 -12.51 -2.39 20.65
C LEU A 39 -13.09 -1.39 21.64
N GLY A 40 -14.30 -1.66 22.14
CA GLY A 40 -14.95 -0.77 23.07
C GLY A 40 -16.34 -0.39 22.62
N GLU A 41 -17.04 0.30 23.51
CA GLU A 41 -18.47 0.52 23.31
C GLU A 41 -18.71 1.47 22.14
N ILE A 42 -19.81 1.26 21.44
CA ILE A 42 -20.27 2.20 20.42
C ILE A 42 -21.16 3.24 21.09
N VAL A 43 -20.74 4.51 21.02
CA VAL A 43 -21.44 5.65 21.62
C VAL A 43 -22.01 6.51 20.51
N THR A 44 -23.34 6.75 20.54
CA THR A 44 -23.99 7.62 19.57
C THR A 44 -24.17 9.03 20.14
N THR A 45 -23.76 10.03 19.35
CA THR A 45 -24.04 11.43 19.64
C THR A 45 -24.77 12.05 18.45
N ILE A 46 -25.36 13.22 18.68
CA ILE A 46 -26.04 13.99 17.66
C ILE A 46 -25.53 15.42 17.75
N PRO A 47 -24.37 15.70 17.18
CA PRO A 47 -23.76 17.04 17.37
C PRO A 47 -24.61 18.15 16.81
N THR A 48 -25.16 17.95 15.62
CA THR A 48 -26.10 18.88 15.02
C THR A 48 -27.35 18.11 14.63
N ILE A 49 -28.46 18.84 14.52
CA ILE A 49 -29.74 18.21 14.25
C ILE A 49 -29.63 17.31 13.06
N GLY A 50 -30.26 16.14 13.18
CA GLY A 50 -30.33 15.17 12.11
C GLY A 50 -29.06 14.39 11.85
N PHE A 51 -27.96 14.66 12.54
CA PHE A 51 -26.63 14.12 12.22
C PHE A 51 -26.16 13.19 13.35
N ASN A 52 -26.44 11.90 13.19
CA ASN A 52 -26.12 10.85 14.14
C ASN A 52 -24.71 10.33 13.89
N VAL A 53 -23.86 10.38 14.90
CA VAL A 53 -22.48 9.99 14.77
C VAL A 53 -22.24 8.87 15.77
N GLU A 54 -21.61 7.79 15.33
CA GLU A 54 -21.26 6.69 16.20
C GLU A 54 -19.77 6.64 16.38
N THR A 55 -19.30 6.40 17.62
CA THR A 55 -17.87 6.47 17.85
C THR A 55 -17.41 5.35 18.74
N VAL A 56 -16.28 4.75 18.40
CA VAL A 56 -15.55 3.81 19.24
C VAL A 56 -14.18 4.38 19.49
N GLU A 57 -13.77 4.44 20.75
CA GLU A 57 -12.49 4.99 21.14
C GLU A 57 -11.64 3.88 21.72
N TYR A 58 -10.53 3.59 21.06
CA TYR A 58 -9.59 2.57 21.48
C TYR A 58 -8.23 3.26 21.65
N LYS A 59 -7.88 3.56 22.93
CA LYS A 59 -6.60 4.12 23.34
C LYS A 59 -6.60 5.49 22.73
N ASN A 60 -5.63 5.83 21.91
CA ASN A 60 -5.62 7.05 21.12
C ASN A 60 -6.27 6.94 19.73
N ILE A 61 -6.85 5.79 19.39
CA ILE A 61 -7.46 5.57 18.08
C ILE A 61 -8.96 5.77 18.20
N SER A 62 -9.53 6.59 17.32
CA SER A 62 -10.97 6.76 17.30
C SER A 62 -11.53 6.33 15.96
N PHE A 63 -12.60 5.52 16.02
CA PHE A 63 -13.40 5.10 14.86
C PHE A 63 -14.65 5.95 14.91
N THR A 64 -14.89 6.74 13.88
CA THR A 64 -16.09 7.56 13.78
C THR A 64 -16.90 7.13 12.57
N VAL A 65 -18.23 7.00 12.75
CA VAL A 65 -19.12 6.52 11.71
C VAL A 65 -20.30 7.45 11.49
N TRP A 66 -20.61 7.69 10.23
CA TRP A 66 -21.88 8.32 9.92
C TRP A 66 -22.32 7.91 8.53
N ASP A 67 -23.61 8.14 8.24
CA ASP A 67 -24.19 7.79 6.96
C ASP A 67 -24.04 8.95 5.98
N VAL A 68 -23.71 8.61 4.74
CA VAL A 68 -23.71 9.56 3.62
C VAL A 68 -24.85 9.17 2.68
N GLY A 69 -25.11 10.03 1.70
CA GLY A 69 -26.15 9.79 0.73
C GLY A 69 -27.33 10.76 0.86
N GLY A 70 -28.17 10.74 -0.17
CA GLY A 70 -29.27 11.67 -0.29
C GLY A 70 -29.05 12.64 -1.44
N LYS A 73 -24.86 16.00 1.31
CA LYS A 73 -24.07 17.21 1.06
C LYS A 73 -23.04 17.46 2.17
N ILE A 74 -21.85 17.92 1.78
CA ILE A 74 -20.74 18.03 2.72
C ILE A 74 -20.98 19.23 3.63
N ARG A 75 -21.17 19.00 4.93
CA ARG A 75 -21.40 20.12 5.82
C ARG A 75 -20.10 20.59 6.46
N PRO A 76 -20.09 21.79 7.04
CA PRO A 76 -18.86 22.27 7.68
C PRO A 76 -18.42 21.41 8.86
N LEU A 77 -19.35 20.88 9.65
CA LEU A 77 -18.93 19.99 10.73
C LEU A 77 -18.24 18.75 10.16
N TRP A 78 -18.64 18.30 8.97
CA TRP A 78 -17.93 17.19 8.32
C TRP A 78 -16.48 17.58 8.04
N ARG A 79 -16.28 18.75 7.41
CA ARG A 79 -14.93 19.19 7.10
C ARG A 79 -14.07 19.22 8.35
N HIS A 80 -14.65 19.53 9.50
CA HIS A 80 -13.81 19.55 10.68
C HIS A 80 -13.36 18.15 11.06
N TYR A 81 -14.24 17.14 10.94
CA TYR A 81 -13.77 15.78 11.13
C TYR A 81 -12.67 15.43 10.13
N PHE A 82 -12.85 15.84 8.87
CA PHE A 82 -11.93 15.50 7.79
C PHE A 82 -10.50 15.92 8.10
N GLN A 83 -10.34 17.09 8.74
CA GLN A 83 -9.04 17.72 8.86
C GLN A 83 -8.07 16.89 9.69
N ASN A 84 -8.59 16.09 10.63
CA ASN A 84 -7.75 15.30 11.51
C ASN A 84 -7.80 13.80 11.19
N THR A 85 -8.20 13.44 9.96
CA THR A 85 -8.44 12.05 9.58
C THR A 85 -7.27 11.48 8.78
N GLN A 86 -6.77 10.34 9.22
CA GLN A 86 -5.69 9.61 8.56
C GLN A 86 -6.17 8.44 7.71
N GLY A 87 -7.26 7.82 8.08
CA GLY A 87 -7.80 6.76 7.26
C GLY A 87 -9.27 6.93 7.06
N LEU A 88 -9.70 6.72 5.82
CA LEU A 88 -11.10 6.71 5.42
C LEU A 88 -11.45 5.28 5.02
N ILE A 89 -12.47 4.71 5.68
CA ILE A 89 -12.98 3.39 5.33
C ILE A 89 -14.33 3.64 4.69
N PHE A 90 -14.50 3.18 3.47
CA PHE A 90 -15.77 3.37 2.77
C PHE A 90 -16.42 2.00 2.67
N VAL A 91 -17.60 1.83 3.27
CA VAL A 91 -18.29 0.56 3.30
C VAL A 91 -19.44 0.62 2.31
N VAL A 92 -19.53 -0.38 1.46
CA VAL A 92 -20.55 -0.47 0.42
C VAL A 92 -21.31 -1.78 0.63
N ASP A 93 -22.64 -1.71 0.57
CA ASP A 93 -23.48 -2.92 0.45
C ASP A 93 -23.31 -3.50 -0.95
N SER A 94 -22.58 -4.62 -1.03
CA SER A 94 -22.21 -5.18 -2.33
C SER A 94 -23.43 -5.78 -3.03
N ASN A 95 -24.47 -6.10 -2.29
CA ASN A 95 -25.71 -6.65 -2.82
C ASN A 95 -26.70 -5.58 -3.31
N ASP A 96 -26.40 -4.28 -3.12
CA ASP A 96 -27.34 -3.18 -3.44
C ASP A 96 -26.96 -2.52 -4.77
N ARG A 97 -27.18 -3.28 -5.84
CA ARG A 97 -26.87 -2.78 -7.18
C ARG A 97 -27.63 -1.50 -7.47
N GLU A 98 -28.82 -1.34 -6.87
CA GLU A 98 -29.62 -0.16 -7.14
C GLU A 98 -28.91 1.12 -6.71
N ARG A 99 -28.16 1.06 -5.62
CA ARG A 99 -27.57 2.28 -5.08
C ARG A 99 -26.05 2.34 -5.18
N VAL A 100 -25.40 1.37 -5.84
CA VAL A 100 -23.96 1.43 -5.96
C VAL A 100 -23.51 2.74 -6.60
N ASN A 101 -24.27 3.23 -7.57
CA ASN A 101 -23.87 4.45 -8.28
C ASN A 101 -23.95 5.68 -7.38
N GLU A 102 -24.94 5.71 -6.49
CA GLU A 102 -24.98 6.73 -5.45
C GLU A 102 -23.79 6.60 -4.50
N ALA A 103 -23.42 5.37 -4.15
CA ALA A 103 -22.23 5.17 -3.33
C ALA A 103 -20.99 5.72 -4.04
N ARG A 104 -20.85 5.47 -5.34
CA ARG A 104 -19.75 6.07 -6.10
C ARG A 104 -19.73 7.58 -5.95
N GLU A 105 -20.89 8.21 -6.16
CA GLU A 105 -20.91 9.67 -6.15
C GLU A 105 -20.54 10.23 -4.78
N GLU A 106 -21.04 9.61 -3.72
CA GLU A 106 -20.70 10.12 -2.38
C GLU A 106 -19.23 9.89 -2.07
N LEU A 107 -18.66 8.77 -2.50
CA LEU A 107 -17.22 8.59 -2.22
C LEU A 107 -16.39 9.59 -3.01
N MET A 108 -16.75 9.83 -4.26
CA MET A 108 -16.02 10.83 -5.05
C MET A 108 -16.17 12.24 -4.47
N ARG A 109 -17.37 12.65 -4.03
CA ARG A 109 -17.43 13.99 -3.42
C ARG A 109 -16.53 14.13 -2.22
N MET A 110 -16.44 13.10 -1.40
CA MET A 110 -15.56 13.20 -0.24
C MET A 110 -14.11 13.26 -0.65
N LEU A 111 -13.70 12.42 -1.60
CA LEU A 111 -12.27 12.37 -1.94
C LEU A 111 -11.81 13.66 -2.65
N ALA A 112 -12.73 14.47 -3.20
CA ALA A 112 -12.35 15.74 -3.81
C ALA A 112 -12.17 16.84 -2.76
N GLU A 113 -12.52 16.54 -1.52
CA GLU A 113 -12.42 17.48 -0.42
C GLU A 113 -10.95 17.62 -0.01
N ASP A 114 -10.42 18.84 -0.11
CA ASP A 114 -9.00 19.06 0.11
C ASP A 114 -8.56 18.66 1.51
N GLU A 115 -9.44 18.75 2.50
CA GLU A 115 -9.06 18.29 3.83
C GLU A 115 -8.73 16.80 3.89
N LEU A 116 -9.12 16.00 2.89
CA LEU A 116 -8.84 14.58 2.92
C LEU A 116 -7.77 14.17 1.92
N ARG A 117 -7.05 15.12 1.33
CA ARG A 117 -6.11 14.78 0.26
C ARG A 117 -5.10 13.72 0.66
N ASP A 118 -4.63 13.69 1.92
CA ASP A 118 -3.60 12.72 2.28
C ASP A 118 -4.13 11.47 2.99
N ALA A 119 -5.44 11.30 3.06
CA ALA A 119 -6.00 10.15 3.77
C ALA A 119 -5.88 8.88 2.93
N VAL A 120 -5.50 7.78 3.59
CA VAL A 120 -5.49 6.43 3.00
C VAL A 120 -6.91 5.90 2.93
N LEU A 121 -7.30 5.30 1.78
CA LEU A 121 -8.64 4.78 1.57
C LEU A 121 -8.65 3.26 1.58
N LEU A 122 -9.49 2.68 2.44
CA LEU A 122 -9.80 1.25 2.47
C LEU A 122 -11.29 1.12 2.17
N VAL A 123 -11.61 0.39 1.10
CA VAL A 123 -12.98 0.02 0.77
C VAL A 123 -13.28 -1.40 1.21
N PHE A 124 -14.29 -1.53 2.00
CA PHE A 124 -15.08 -2.73 2.23
C PHE A 124 -16.27 -2.99 1.32
N ALA A 125 -16.13 -4.02 0.47
CA ALA A 125 -17.21 -4.60 -0.36
C ALA A 125 -17.89 -5.59 0.55
N ASN A 126 -18.82 -5.09 1.33
CA ASN A 126 -19.46 -5.84 2.38
C ASN A 126 -20.65 -6.64 1.86
N LYS A 127 -21.10 -7.61 2.66
CA LYS A 127 -22.28 -8.47 2.37
C LYS A 127 -21.97 -9.49 1.28
N GLN A 128 -20.72 -9.92 1.17
CA GLN A 128 -20.34 -10.90 0.16
C GLN A 128 -21.00 -12.28 0.37
N ASP A 129 -21.55 -12.56 1.55
CA ASP A 129 -22.26 -13.82 1.76
C ASP A 129 -23.58 -13.92 0.98
N LEU A 130 -24.08 -12.84 0.40
CA LEU A 130 -25.37 -12.90 -0.30
C LEU A 130 -25.16 -13.28 -1.76
N PRO A 131 -26.07 -14.07 -2.33
CA PRO A 131 -25.80 -14.66 -3.66
C PRO A 131 -25.76 -13.67 -4.82
N ASN A 132 -26.46 -12.55 -4.80
CA ASN A 132 -26.23 -11.64 -5.91
C ASN A 132 -25.25 -10.52 -5.60
N ALA A 133 -24.38 -10.68 -4.61
CA ALA A 133 -23.44 -9.61 -4.31
C ALA A 133 -22.44 -9.42 -5.45
N MET A 134 -22.17 -8.15 -5.76
CA MET A 134 -21.08 -7.75 -6.62
C MET A 134 -19.76 -8.15 -5.96
N ASN A 135 -18.81 -8.72 -6.71
CA ASN A 135 -17.56 -9.11 -6.06
C ASN A 135 -16.63 -7.90 -6.03
N ALA A 136 -15.41 -8.09 -5.48
CA ALA A 136 -14.54 -6.94 -5.28
C ALA A 136 -14.12 -6.32 -6.60
N ALA A 137 -13.86 -7.17 -7.60
CA ALA A 137 -13.49 -6.67 -8.91
C ALA A 137 -14.62 -5.83 -9.51
N GLU A 138 -15.88 -6.28 -9.37
CA GLU A 138 -16.97 -5.44 -9.90
C GLU A 138 -17.18 -4.17 -9.07
N ILE A 139 -17.00 -4.22 -7.74
CA ILE A 139 -17.13 -2.99 -6.97
C ILE A 139 -16.00 -2.03 -7.33
N THR A 140 -14.80 -2.56 -7.56
CA THR A 140 -13.69 -1.73 -7.95
C THR A 140 -14.03 -0.91 -9.19
N ASP A 141 -14.55 -1.57 -10.20
CA ASP A 141 -14.96 -0.83 -11.38
C ASP A 141 -16.18 0.07 -11.13
N LYS A 142 -17.31 -0.46 -10.52
CA LYS A 142 -18.44 0.44 -10.12
C LYS A 142 -18.05 1.66 -9.34
N LEU A 143 -17.05 1.60 -8.49
CA LEU A 143 -16.73 2.75 -7.68
C LEU A 143 -15.66 3.61 -8.31
N GLY A 144 -15.11 3.19 -9.44
CA GLY A 144 -14.09 3.97 -10.12
C GLY A 144 -12.75 4.06 -9.41
N LEU A 145 -12.38 3.04 -8.66
CA LEU A 145 -11.17 3.17 -7.85
C LEU A 145 -9.92 3.29 -8.71
N HIS A 146 -9.94 2.72 -9.91
CA HIS A 146 -8.74 2.79 -10.74
C HIS A 146 -8.51 4.16 -11.33
N SER A 147 -9.53 5.01 -11.33
CA SER A 147 -9.34 6.39 -11.76
C SER A 147 -8.78 7.30 -10.66
N LEU A 148 -8.55 6.79 -9.45
CA LEU A 148 -7.88 7.54 -8.38
C LEU A 148 -6.39 7.52 -8.64
N ARG A 149 -5.87 8.58 -9.24
CA ARG A 149 -4.50 8.59 -9.74
C ARG A 149 -3.49 9.09 -8.73
N HIS A 150 -3.93 9.54 -7.54
CA HIS A 150 -3.02 10.05 -6.52
C HIS A 150 -3.31 9.47 -5.15
N ARG A 151 -4.19 8.49 -5.05
CA ARG A 151 -4.59 8.00 -3.74
C ARG A 151 -4.07 6.60 -3.48
N ASN A 152 -3.67 6.37 -2.25
CA ASN A 152 -3.34 5.05 -1.75
C ASN A 152 -4.64 4.36 -1.33
N TRP A 153 -5.01 3.27 -2.00
CA TRP A 153 -6.27 2.59 -1.73
C TRP A 153 -6.13 1.07 -1.79
N TYR A 154 -7.10 0.41 -1.18
CA TYR A 154 -7.17 -1.03 -1.11
C TYR A 154 -8.65 -1.37 -1.01
N ILE A 155 -9.09 -2.41 -1.70
CA ILE A 155 -10.45 -2.93 -1.51
C ILE A 155 -10.38 -4.34 -0.98
N GLN A 156 -11.27 -4.64 -0.05
CA GLN A 156 -11.34 -5.92 0.65
C GLN A 156 -12.78 -6.38 0.61
N ALA A 157 -13.01 -7.59 0.07
CA ALA A 157 -14.30 -8.25 0.24
C ALA A 157 -14.52 -8.72 1.67
N THR A 158 -15.73 -8.48 2.18
CA THR A 158 -16.06 -8.83 3.55
C THR A 158 -17.48 -9.38 3.75
N CYS A 159 -17.64 -10.09 4.86
CA CYS A 159 -18.95 -10.46 5.43
C CYS A 159 -18.91 -10.01 6.90
N ALA A 160 -19.40 -8.80 7.19
CA ALA A 160 -19.18 -8.24 8.54
C ALA A 160 -19.91 -9.03 9.62
N THR A 161 -20.99 -9.74 9.27
CA THR A 161 -21.71 -10.48 10.31
C THR A 161 -20.93 -11.71 10.79
N SER A 162 -20.17 -12.35 9.89
CA SER A 162 -19.27 -13.47 10.25
C SER A 162 -17.98 -12.87 10.81
N GLY A 163 -17.65 -11.63 10.41
CA GLY A 163 -16.46 -10.92 10.87
C GLY A 163 -15.27 -11.18 9.96
N ASP A 164 -15.43 -12.04 8.94
CA ASP A 164 -14.30 -12.44 8.07
C ASP A 164 -13.96 -11.34 7.06
N GLY A 165 -12.68 -11.23 6.63
CA GLY A 165 -12.22 -10.20 5.68
C GLY A 165 -11.80 -8.92 6.39
N LEU A 166 -12.38 -8.61 7.56
CA LEU A 166 -12.12 -7.37 8.29
C LEU A 166 -10.68 -7.28 8.76
N TYR A 167 -10.13 -8.40 9.24
CA TYR A 167 -8.73 -8.43 9.64
C TYR A 167 -7.82 -8.05 8.50
N GLU A 168 -7.97 -8.72 7.35
CA GLU A 168 -7.11 -8.47 6.22
C GLU A 168 -7.12 -7.00 5.82
N GLY A 169 -8.27 -6.35 5.92
CA GLY A 169 -8.36 -5.00 5.45
C GLY A 169 -7.73 -4.03 6.41
N LEU A 170 -7.98 -4.26 7.69
CA LEU A 170 -7.44 -3.39 8.72
C LEU A 170 -5.95 -3.60 8.88
N ASP A 171 -5.49 -4.84 8.68
CA ASP A 171 -4.05 -5.14 8.58
C ASP A 171 -3.38 -4.22 7.56
N TRP A 172 -3.91 -4.21 6.34
CA TRP A 172 -3.41 -3.30 5.32
C TRP A 172 -3.49 -1.85 5.81
N LEU A 173 -4.64 -1.43 6.34
CA LEU A 173 -4.80 -0.02 6.73
C LEU A 173 -3.78 0.36 7.81
N ALA A 174 -3.68 -0.48 8.83
CA ALA A 174 -2.73 -0.21 9.91
C ALA A 174 -1.31 -0.08 9.36
N ASN A 175 -0.92 -0.94 8.43
CA ASN A 175 0.43 -0.86 7.87
C ASN A 175 0.65 0.46 7.14
N GLN A 176 -0.37 0.95 6.43
CA GLN A 176 -0.21 2.25 5.76
C GLN A 176 -0.06 3.38 6.77
N LEU A 177 -0.82 3.30 7.89
CA LEU A 177 -0.90 4.39 8.85
C LEU A 177 0.36 4.44 9.74
N LYS A 178 1.00 3.30 9.94
CA LYS A 178 2.36 3.21 10.44
C LYS A 178 3.31 4.08 9.64
N ASN B 3 25.77 9.86 3.75
CA ASN B 3 25.41 9.57 5.14
C ASN B 3 23.96 9.15 5.26
N ILE B 4 23.07 9.79 4.50
CA ILE B 4 21.65 9.64 4.80
C ILE B 4 21.19 8.21 4.54
N PHE B 5 21.85 7.49 3.62
CA PHE B 5 21.42 6.13 3.37
C PHE B 5 21.95 5.19 4.43
N GLY B 6 23.23 5.31 4.81
CA GLY B 6 23.74 4.56 5.93
C GLY B 6 22.95 4.80 7.21
N ASN B 7 22.47 6.03 7.39
CA ASN B 7 21.64 6.38 8.55
C ASN B 7 20.29 5.67 8.55
N LEU B 8 19.78 5.32 7.37
CA LEU B 8 18.51 4.62 7.31
C LEU B 8 18.62 3.20 7.85
N LEU B 9 19.79 2.59 7.77
CA LEU B 9 19.96 1.20 8.12
C LEU B 9 20.48 1.03 9.54
N LYS B 10 20.59 2.14 10.29
CA LYS B 10 21.16 2.13 11.65
C LYS B 10 20.50 1.08 12.53
N SER B 11 19.17 0.94 12.46
CA SER B 11 18.47 -0.05 13.29
C SER B 11 18.67 -1.48 12.81
N LEU B 12 18.92 -1.66 11.52
CA LEU B 12 19.15 -2.98 10.96
C LEU B 12 20.59 -3.43 11.15
N ILE B 13 21.48 -2.54 11.60
CA ILE B 13 22.85 -2.93 11.88
C ILE B 13 22.84 -4.07 12.92
N GLY B 14 23.76 -5.02 12.79
CA GLY B 14 23.75 -6.12 13.74
C GLY B 14 24.55 -7.30 13.23
N LYS B 15 24.09 -8.51 13.56
CA LYS B 15 24.80 -9.71 13.10
C LYS B 15 24.14 -10.43 11.93
N LYS B 16 22.83 -10.68 11.99
CA LYS B 16 22.19 -11.44 10.93
C LYS B 16 22.35 -10.71 9.62
N GLU B 17 22.95 -11.34 8.62
CA GLU B 17 23.14 -10.66 7.34
C GLU B 17 21.83 -10.69 6.58
N MET B 18 21.26 -9.53 6.29
CA MET B 18 20.06 -9.48 5.47
C MET B 18 20.36 -8.87 4.11
N ARG B 19 19.77 -9.46 3.10
CA ARG B 19 20.03 -9.13 1.72
C ARG B 19 18.87 -8.31 1.23
N ILE B 20 19.19 -7.26 0.51
CA ILE B 20 18.22 -6.53 -0.30
C ILE B 20 18.57 -6.79 -1.76
N LEU B 21 17.59 -7.31 -2.49
CA LEU B 21 17.78 -7.75 -3.86
C LEU B 21 17.13 -6.73 -4.77
N MET B 22 17.88 -6.23 -5.74
CA MET B 22 17.33 -5.19 -6.60
C MET B 22 17.53 -5.72 -8.03
N VAL B 23 16.44 -5.87 -8.76
CA VAL B 23 16.51 -6.55 -10.04
C VAL B 23 15.58 -5.78 -10.96
N GLY B 24 15.69 -6.06 -12.23
CA GLY B 24 14.84 -5.45 -13.23
C GLY B 24 15.46 -5.70 -14.57
N LEU B 25 14.80 -5.24 -15.62
CA LEU B 25 15.37 -5.46 -16.94
C LEU B 25 16.65 -4.65 -17.12
N ASP B 26 17.47 -5.12 -18.06
CA ASP B 26 18.67 -4.40 -18.43
C ASP B 26 18.34 -2.95 -18.78
N ALA B 27 19.23 -2.05 -18.34
CA ALA B 27 19.17 -0.62 -18.62
C ALA B 27 18.08 0.10 -17.84
N ALA B 28 17.46 -0.57 -16.86
CA ALA B 28 16.48 0.07 -16.00
C ALA B 28 17.09 1.18 -15.13
N GLY B 29 18.34 1.05 -14.71
CA GLY B 29 19.03 2.01 -13.86
C GLY B 29 19.59 1.46 -12.55
N LYS B 30 19.84 0.15 -12.49
CA LYS B 30 20.11 -0.45 -11.19
C LYS B 30 21.52 -0.19 -10.70
N THR B 31 22.49 -0.24 -11.60
CA THR B 31 23.85 0.16 -11.27
C THR B 31 23.89 1.62 -10.87
N THR B 32 23.15 2.47 -11.57
CA THR B 32 23.16 3.89 -11.23
C THR B 32 22.68 4.09 -9.80
N ILE B 33 21.65 3.35 -9.39
CA ILE B 33 21.08 3.46 -8.05
C ILE B 33 22.09 3.02 -7.01
N LEU B 34 22.68 1.84 -7.22
CA LEU B 34 23.70 1.37 -6.28
C LEU B 34 24.75 2.44 -6.08
N TYR B 35 25.25 3.01 -7.18
CA TYR B 35 26.32 4.01 -7.09
C TYR B 35 25.90 5.23 -6.28
N LYS B 36 24.68 5.74 -6.51
CA LYS B 36 24.09 6.81 -5.69
C LYS B 36 23.86 6.49 -4.20
N LEU B 37 23.86 5.25 -3.76
CA LEU B 37 23.75 5.05 -2.31
C LEU B 37 25.03 5.41 -1.55
N LYS B 38 26.18 5.44 -2.23
CA LYS B 38 27.47 5.70 -1.59
C LYS B 38 27.62 4.91 -0.29
N LEU B 39 27.20 3.64 -0.33
CA LEU B 39 27.36 2.76 0.82
C LEU B 39 28.53 1.81 0.67
N GLY B 40 29.33 1.96 -0.38
CA GLY B 40 30.42 1.05 -0.56
C GLY B 40 30.62 0.72 -2.01
N GLU B 41 31.76 0.12 -2.30
CA GLU B 41 32.11 -0.19 -3.67
C GLU B 41 31.14 -1.18 -4.29
N ILE B 42 30.90 -1.02 -5.58
CA ILE B 42 30.14 -1.99 -6.35
C ILE B 42 31.08 -3.07 -6.87
N VAL B 43 30.97 -4.29 -6.35
CA VAL B 43 31.82 -5.40 -6.74
C VAL B 43 31.04 -6.36 -7.63
N THR B 44 31.60 -6.71 -8.78
CA THR B 44 30.97 -7.61 -9.74
C THR B 44 31.58 -8.99 -9.62
N THR B 45 30.74 -10.01 -9.49
CA THR B 45 31.13 -11.41 -9.48
C THR B 45 30.31 -12.15 -10.54
N ILE B 46 30.85 -13.27 -11.01
CA ILE B 46 30.21 -14.15 -11.98
C ILE B 46 30.19 -15.55 -11.37
N PRO B 47 29.21 -15.86 -10.54
CA PRO B 47 29.23 -17.18 -9.86
C PRO B 47 28.95 -18.33 -10.80
N THR B 48 28.15 -18.12 -11.84
CA THR B 48 27.91 -19.10 -12.89
C THR B 48 28.11 -18.42 -14.24
N ILE B 49 28.67 -19.16 -15.20
CA ILE B 49 28.79 -18.63 -16.56
C ILE B 49 27.50 -17.93 -16.92
N GLY B 50 27.59 -16.71 -17.45
CA GLY B 50 26.42 -15.98 -17.90
C GLY B 50 25.67 -15.20 -16.83
N PHE B 51 26.03 -15.32 -15.57
CA PHE B 51 25.24 -14.76 -14.46
C PHE B 51 26.10 -13.69 -13.77
N ASN B 52 25.90 -12.43 -14.15
CA ASN B 52 26.68 -11.31 -13.64
C ASN B 52 25.94 -10.74 -12.44
N VAL B 53 26.58 -10.70 -11.27
CA VAL B 53 25.99 -10.13 -10.05
C VAL B 53 26.78 -8.90 -9.60
N GLU B 54 26.09 -7.85 -9.18
CA GLU B 54 26.73 -6.67 -8.60
C GLU B 54 26.30 -6.57 -7.15
N THR B 55 27.26 -6.38 -6.23
CA THR B 55 26.98 -6.32 -4.80
C THR B 55 27.63 -5.09 -4.16
N VAL B 56 26.94 -4.47 -3.19
CA VAL B 56 27.53 -3.40 -2.34
C VAL B 56 27.31 -3.92 -0.91
N GLU B 57 28.34 -4.25 -0.17
CA GLU B 57 28.20 -4.76 1.22
C GLU B 57 28.45 -3.62 2.21
N TYR B 58 27.41 -3.14 2.91
CA TYR B 58 27.51 -2.11 3.97
C TYR B 58 27.27 -2.80 5.30
N LYS B 59 28.30 -3.22 6.06
CA LYS B 59 28.18 -3.84 7.38
C LYS B 59 27.49 -5.18 7.15
N ASN B 60 26.38 -5.48 7.82
CA ASN B 60 25.68 -6.73 7.61
C ASN B 60 24.58 -6.65 6.55
N ILE B 61 24.37 -5.50 5.92
CA ILE B 61 23.38 -5.39 4.84
C ILE B 61 24.09 -5.45 3.50
N SER B 62 23.56 -6.26 2.59
CA SER B 62 24.09 -6.37 1.23
C SER B 62 22.97 -6.02 0.24
N PHE B 63 23.28 -5.13 -0.71
CA PHE B 63 22.44 -4.88 -1.89
C PHE B 63 23.04 -5.74 -2.99
N THR B 64 22.21 -6.60 -3.59
CA THR B 64 22.62 -7.52 -4.65
C THR B 64 21.75 -7.27 -5.88
N VAL B 65 22.40 -7.21 -7.05
CA VAL B 65 21.77 -6.76 -8.28
C VAL B 65 22.05 -7.76 -9.39
N TRP B 66 21.02 -8.04 -10.19
CA TRP B 66 21.24 -8.74 -11.44
C TRP B 66 20.10 -8.41 -12.37
N ASP B 67 20.34 -8.64 -13.65
CA ASP B 67 19.30 -8.43 -14.68
C ASP B 67 18.37 -9.63 -14.74
N VAL B 68 17.09 -9.38 -14.98
CA VAL B 68 16.12 -10.42 -15.23
C VAL B 68 15.64 -10.15 -16.65
N GLY B 69 15.14 -11.17 -17.31
CA GLY B 69 14.60 -10.95 -18.64
C GLY B 69 15.46 -11.59 -19.72
N GLY B 70 14.80 -12.12 -20.75
CA GLY B 70 15.49 -12.85 -21.80
C GLY B 70 16.49 -12.01 -22.57
N PRO B 76 17.32 -20.49 -11.47
CA PRO B 76 18.53 -21.32 -11.43
C PRO B 76 19.33 -21.23 -10.12
N LEU B 77 20.52 -20.65 -10.23
CA LEU B 77 21.35 -20.37 -9.05
C LEU B 77 20.78 -19.25 -8.21
N TRP B 78 19.71 -18.60 -8.67
CA TRP B 78 19.14 -17.49 -7.92
C TRP B 78 18.66 -17.93 -6.56
N ARG B 79 18.25 -19.19 -6.43
CA ARG B 79 17.61 -19.68 -5.21
C ARG B 79 18.52 -19.52 -4.00
N HIS B 80 19.84 -19.60 -4.17
CA HIS B 80 20.71 -19.47 -3.00
C HIS B 80 20.64 -18.07 -2.39
N TYR B 81 20.40 -17.04 -3.20
CA TYR B 81 20.35 -15.67 -2.69
C TYR B 81 19.06 -15.37 -1.94
N PHE B 82 17.96 -16.09 -2.22
CA PHE B 82 16.67 -15.72 -1.67
C PHE B 82 16.58 -15.93 -0.15
N GLN B 83 17.44 -16.76 0.42
CA GLN B 83 17.27 -17.16 1.83
C GLN B 83 17.21 -15.95 2.75
N ASN B 84 18.28 -15.15 2.79
CA ASN B 84 18.34 -14.01 3.69
C ASN B 84 17.83 -12.72 3.03
N THR B 85 17.04 -12.84 1.96
CA THR B 85 16.51 -11.67 1.28
C THR B 85 15.27 -11.15 2.01
N GLN B 86 15.39 -9.95 2.62
CA GLN B 86 14.20 -9.41 3.27
C GLN B 86 13.48 -8.38 2.42
N GLY B 87 14.16 -7.77 1.47
CA GLY B 87 13.56 -6.72 0.68
C GLY B 87 13.84 -7.01 -0.77
N LEU B 88 12.88 -6.68 -1.61
CA LEU B 88 12.98 -6.84 -3.05
C LEU B 88 12.68 -5.49 -3.66
N ILE B 89 13.64 -4.95 -4.41
CA ILE B 89 13.47 -3.70 -5.15
C ILE B 89 13.41 -4.07 -6.63
N PHE B 90 12.35 -3.66 -7.29
CA PHE B 90 12.22 -3.84 -8.72
C PHE B 90 12.26 -2.47 -9.39
N VAL B 91 13.17 -2.29 -10.33
CA VAL B 91 13.39 -1.03 -11.03
C VAL B 91 12.86 -1.20 -12.45
N VAL B 92 12.01 -0.28 -12.89
CA VAL B 92 11.53 -0.23 -14.27
C VAL B 92 11.93 1.09 -14.91
N ASP B 93 12.30 1.00 -16.19
CA ASP B 93 12.52 2.19 -17.03
C ASP B 93 11.14 2.69 -17.45
N SER B 94 10.67 3.78 -16.84
CA SER B 94 9.32 4.25 -17.10
C SER B 94 9.15 4.80 -18.52
N ASN B 95 10.26 5.05 -19.22
CA ASN B 95 10.21 5.53 -20.58
C ASN B 95 10.13 4.40 -21.61
N ASP B 96 10.33 3.15 -21.18
CA ASP B 96 10.43 2.01 -22.09
C ASP B 96 9.09 1.29 -22.18
N ARG B 97 8.19 1.86 -22.96
CA ARG B 97 6.87 1.25 -23.08
C ARG B 97 6.88 -0.07 -23.86
N GLU B 98 7.81 -0.25 -24.80
CA GLU B 98 7.86 -1.50 -25.56
C GLU B 98 8.06 -2.69 -24.63
N ARG B 99 8.78 -2.50 -23.53
CA ARG B 99 9.19 -3.61 -22.67
C ARG B 99 8.56 -3.54 -21.28
N VAL B 100 7.54 -2.73 -21.08
CA VAL B 100 6.94 -2.71 -19.75
C VAL B 100 6.09 -3.95 -19.51
N ASN B 101 5.57 -4.61 -20.57
CA ASN B 101 4.84 -5.85 -20.32
C ASN B 101 5.80 -6.96 -19.93
N GLU B 102 7.00 -6.96 -20.51
CA GLU B 102 8.03 -7.92 -20.09
C GLU B 102 8.47 -7.68 -18.63
N ALA B 103 8.65 -6.42 -18.24
CA ALA B 103 8.93 -6.12 -16.84
C ALA B 103 7.87 -6.72 -15.93
N ARG B 104 6.60 -6.55 -16.30
CA ARG B 104 5.47 -7.05 -15.50
C ARG B 104 5.65 -8.55 -15.38
N GLU B 105 6.03 -9.23 -16.44
CA GLU B 105 6.10 -10.71 -16.41
C GLU B 105 7.24 -11.15 -15.51
N GLU B 106 8.36 -10.42 -15.50
CA GLU B 106 9.54 -10.75 -14.69
C GLU B 106 9.25 -10.43 -13.22
N LEU B 107 8.56 -9.34 -12.92
CA LEU B 107 8.18 -8.99 -11.52
C LEU B 107 7.32 -10.14 -11.00
N MET B 108 6.25 -10.53 -11.72
CA MET B 108 5.38 -11.57 -11.22
C MET B 108 6.12 -12.88 -11.04
N ARG B 109 7.06 -13.18 -11.92
CA ARG B 109 7.83 -14.42 -11.80
C ARG B 109 8.70 -14.39 -10.53
N MET B 110 9.24 -13.23 -10.17
CA MET B 110 9.98 -13.14 -8.90
C MET B 110 9.05 -13.36 -7.71
N LEU B 111 7.90 -12.68 -7.70
CA LEU B 111 7.01 -12.67 -6.55
C LEU B 111 6.40 -14.03 -6.22
N ALA B 112 6.47 -14.97 -7.15
CA ALA B 112 5.94 -16.32 -7.00
C ALA B 112 6.95 -17.31 -6.41
N GLU B 113 8.21 -16.88 -6.24
CA GLU B 113 9.25 -17.71 -5.62
C GLU B 113 8.77 -17.85 -4.16
N ASP B 114 8.65 -19.07 -3.65
CA ASP B 114 8.13 -19.31 -2.27
C ASP B 114 9.18 -18.84 -1.28
N GLU B 115 10.45 -18.89 -1.68
CA GLU B 115 11.57 -18.42 -0.84
C GLU B 115 11.48 -16.90 -0.69
N LEU B 116 10.69 -16.17 -1.50
CA LEU B 116 10.57 -14.73 -1.36
C LEU B 116 9.21 -14.30 -0.84
N ARG B 117 8.48 -15.20 -0.19
CA ARG B 117 7.08 -14.91 0.05
C ARG B 117 6.88 -13.85 1.11
N ASP B 118 7.79 -13.72 2.06
CA ASP B 118 7.67 -12.71 3.10
C ASP B 118 8.45 -11.43 2.78
N ALA B 119 8.96 -11.27 1.57
CA ALA B 119 9.77 -10.10 1.25
C ALA B 119 8.92 -8.87 0.98
N VAL B 120 9.40 -7.72 1.45
CA VAL B 120 8.79 -6.43 1.19
C VAL B 120 9.19 -6.02 -0.22
N LEU B 121 8.26 -5.41 -0.98
CA LEU B 121 8.49 -5.04 -2.36
C LEU B 121 8.49 -3.51 -2.49
N LEU B 122 9.59 -2.96 -3.00
CA LEU B 122 9.69 -1.55 -3.36
C LEU B 122 9.88 -1.49 -4.86
N VAL B 123 9.00 -0.77 -5.57
CA VAL B 123 9.14 -0.55 -7.00
C VAL B 123 9.60 0.88 -7.27
N PHE B 124 10.71 1.00 -7.97
CA PHE B 124 11.25 2.25 -8.50
C PHE B 124 10.82 2.49 -9.93
N ALA B 125 9.92 3.46 -10.14
CA ALA B 125 9.53 3.88 -11.49
C ALA B 125 10.51 4.95 -11.92
N ASN B 126 11.59 4.53 -12.56
CA ASN B 126 12.77 5.33 -12.78
C ASN B 126 12.70 6.05 -14.14
N LYS B 127 13.62 7.00 -14.34
CA LYS B 127 13.72 7.80 -15.57
C LYS B 127 12.52 8.74 -15.74
N GLN B 128 11.99 9.26 -14.61
CA GLN B 128 10.88 10.20 -14.67
C GLN B 128 11.26 11.53 -15.28
N ASP B 129 12.55 11.85 -15.36
CA ASP B 129 12.96 13.08 -16.04
C ASP B 129 12.67 13.08 -17.54
N LEU B 130 12.36 11.90 -18.15
CA LEU B 130 12.27 11.84 -19.61
C LEU B 130 10.89 12.29 -20.09
N PRO B 131 10.84 13.02 -21.21
CA PRO B 131 9.64 13.80 -21.53
C PRO B 131 8.35 13.01 -21.54
N ASN B 132 8.34 11.75 -21.97
CA ASN B 132 7.09 11.00 -21.90
C ASN B 132 7.30 9.68 -21.16
N ALA B 133 8.08 9.72 -20.09
CA ALA B 133 8.01 8.67 -19.10
C ALA B 133 6.57 8.52 -18.62
N MET B 134 6.20 7.26 -18.40
CA MET B 134 4.96 6.88 -17.76
C MET B 134 5.05 7.32 -16.30
N ASN B 135 3.98 7.93 -15.75
CA ASN B 135 4.09 8.30 -14.34
C ASN B 135 3.85 7.10 -13.43
N ALA B 136 3.89 7.36 -12.12
CA ALA B 136 3.84 6.26 -11.16
C ALA B 136 2.49 5.55 -11.19
N ALA B 137 1.40 6.32 -11.29
CA ALA B 137 0.09 5.70 -11.38
C ALA B 137 0.00 4.82 -12.63
N GLU B 138 0.60 5.26 -13.74
CA GLU B 138 0.51 4.44 -14.95
C GLU B 138 1.32 3.15 -14.83
N ILE B 139 2.51 3.23 -14.23
CA ILE B 139 3.33 2.04 -14.02
C ILE B 139 2.64 1.11 -13.02
N THR B 140 1.97 1.67 -12.01
CA THR B 140 1.23 0.83 -11.09
C THR B 140 0.19 0.00 -11.86
N ASP B 141 -0.48 0.62 -12.84
CA ASP B 141 -1.42 -0.10 -13.69
C ASP B 141 -0.70 -1.15 -14.54
N LYS B 142 0.32 -0.74 -15.30
CA LYS B 142 1.00 -1.69 -16.19
C LYS B 142 1.64 -2.86 -15.45
N LEU B 143 2.06 -2.68 -14.21
CA LEU B 143 2.69 -3.80 -13.51
C LEU B 143 1.70 -4.65 -12.74
N GLY B 144 0.43 -4.25 -12.70
CA GLY B 144 -0.57 -4.97 -11.93
C GLY B 144 -0.41 -4.90 -10.44
N LEU B 145 0.11 -3.79 -9.89
CA LEU B 145 0.47 -3.83 -8.48
C LEU B 145 -0.73 -3.90 -7.57
N HIS B 146 -1.87 -3.36 -7.98
CA HIS B 146 -3.00 -3.47 -7.09
C HIS B 146 -3.55 -4.88 -7.00
N SER B 147 -3.14 -5.79 -7.88
CA SER B 147 -3.60 -7.16 -7.78
C SER B 147 -2.83 -7.95 -6.74
N LEU B 148 -1.80 -7.36 -6.14
CA LEU B 148 -0.98 -8.09 -5.18
C LEU B 148 -1.62 -7.95 -3.81
N ARG B 149 -2.29 -8.99 -3.35
CA ARG B 149 -3.10 -8.78 -2.15
C ARG B 149 -2.40 -9.11 -0.83
N HIS B 150 -1.45 -10.05 -0.79
CA HIS B 150 -0.76 -10.32 0.46
C HIS B 150 0.68 -9.84 0.45
N ARG B 151 0.98 -8.80 -0.32
CA ARG B 151 2.32 -8.25 -0.28
C ARG B 151 2.29 -6.80 0.15
N ASN B 152 3.15 -6.48 1.07
CA ASN B 152 3.47 -5.11 1.46
C ASN B 152 4.30 -4.48 0.35
N TRP B 153 3.72 -3.58 -0.43
CA TRP B 153 4.46 -2.98 -1.51
C TRP B 153 4.31 -1.47 -1.52
N TYR B 154 5.14 -0.81 -2.34
CA TYR B 154 5.20 0.65 -2.44
C TYR B 154 5.89 0.97 -3.75
N ILE B 155 5.44 2.01 -4.44
CA ILE B 155 6.05 2.43 -5.70
C ILE B 155 6.51 3.87 -5.56
N GLN B 156 7.76 4.12 -5.95
CA GLN B 156 8.37 5.43 -5.87
C GLN B 156 8.82 5.90 -7.26
N ALA B 157 8.38 7.08 -7.64
CA ALA B 157 8.83 7.71 -8.87
C ALA B 157 10.23 8.27 -8.63
N THR B 158 11.16 7.98 -9.56
CA THR B 158 12.56 8.29 -9.29
C THR B 158 13.22 8.74 -10.58
N CYS B 159 14.30 9.52 -10.41
CA CYS B 159 15.28 9.83 -11.46
C CYS B 159 16.62 9.46 -10.82
N ALA B 160 17.17 8.29 -11.15
CA ALA B 160 18.34 7.82 -10.42
C ALA B 160 19.58 8.63 -10.72
N THR B 161 19.65 9.24 -11.90
CA THR B 161 20.83 10.05 -12.24
C THR B 161 20.93 11.33 -11.37
N SER B 162 19.80 11.88 -10.93
CA SER B 162 19.81 13.02 -10.01
C SER B 162 19.56 12.60 -8.57
N GLY B 163 19.05 11.39 -8.36
CA GLY B 163 18.82 10.84 -7.04
C GLY B 163 17.44 11.08 -6.51
N ASP B 164 16.63 11.86 -7.23
CA ASP B 164 15.26 12.15 -6.83
C ASP B 164 14.46 10.88 -6.58
N GLY B 165 13.85 10.82 -5.38
CA GLY B 165 13.03 9.71 -4.95
C GLY B 165 13.76 8.55 -4.30
N LEU B 166 15.07 8.44 -4.49
CA LEU B 166 15.74 7.26 -3.93
C LEU B 166 15.58 7.23 -2.42
N TYR B 167 15.80 8.38 -1.76
CA TYR B 167 15.73 8.39 -0.30
C TYR B 167 14.33 8.05 0.20
N GLU B 168 13.30 8.61 -0.43
CA GLU B 168 11.94 8.36 0.00
C GLU B 168 11.57 6.88 -0.15
N GLY B 169 11.97 6.28 -1.27
CA GLY B 169 11.75 4.86 -1.46
C GLY B 169 12.45 4.03 -0.40
N LEU B 170 13.74 4.27 -0.19
CA LEU B 170 14.47 3.43 0.74
C LEU B 170 14.10 3.72 2.20
N ASP B 171 13.63 4.91 2.50
CA ASP B 171 13.14 5.21 3.84
C ASP B 171 11.92 4.35 4.13
N TRP B 172 11.02 4.25 3.17
CA TRP B 172 9.85 3.39 3.31
C TRP B 172 10.29 1.95 3.57
N LEU B 173 11.24 1.46 2.77
CA LEU B 173 11.66 0.06 2.88
C LEU B 173 12.30 -0.23 4.23
N ALA B 174 13.25 0.60 4.65
CA ALA B 174 13.92 0.33 5.93
C ALA B 174 12.88 0.31 7.05
N ASN B 175 11.90 1.20 6.98
CA ASN B 175 10.84 1.20 8.00
C ASN B 175 10.12 -0.14 8.02
N GLN B 176 9.91 -0.74 6.84
CA GLN B 176 9.20 -2.02 6.81
C GLN B 176 10.05 -3.13 7.43
N LEU B 177 11.37 -3.12 7.19
CA LEU B 177 12.25 -4.14 7.72
C LEU B 177 12.56 -3.96 9.20
N LYS B 178 12.14 -2.85 9.79
CA LYS B 178 12.38 -2.60 11.20
C LYS B 178 11.99 -3.78 12.07
PB GDP C . -25.26 0.75 8.93
O1B GDP C . -26.52 1.62 8.72
O2B GDP C . -24.75 1.02 10.35
O3B GDP C . -24.20 1.06 7.93
O3A GDP C . -25.67 -0.81 8.79
PA GDP C . -25.71 -1.89 10.02
O1A GDP C . -26.71 -1.39 11.01
O2A GDP C . -24.36 -2.13 10.72
O5' GDP C . -26.25 -3.21 9.21
C5' GDP C . -27.38 -3.00 8.42
C4' GDP C . -28.02 -4.40 8.06
O4' GDP C . -27.22 -5.10 7.27
C3' GDP C . -28.29 -5.31 9.34
O3' GDP C . -29.45 -6.04 9.18
C2' GDP C . -26.99 -6.10 9.32
O2' GDP C . -27.24 -7.35 10.14
C1' GDP C . -26.78 -6.41 8.06
N9 GDP C . -25.40 -6.73 7.71
C8 GDP C . -24.27 -6.11 8.02
N7 GDP C . -23.23 -6.74 7.47
C5 GDP C . -23.72 -7.80 6.77
C6 GDP C . -23.16 -8.82 5.96
O6 GDP C . -21.80 -8.93 5.76
N1 GDP C . -23.97 -9.69 5.36
C2 GDP C . -25.27 -9.64 5.54
N2 GDP C . -26.04 -10.66 4.89
N3 GDP C . -25.87 -8.70 6.28
C4 GDP C . -25.10 -7.78 6.90
H5' GDP C . -27.09 -2.49 7.51
H5'' GDP C . -28.09 -2.40 8.97
H4' GDP C . -28.97 -4.23 7.57
H3' GDP C . -28.42 -4.79 10.27
HO3' GDP C . -30.18 -5.51 9.48
H2' GDP C . -26.15 -5.53 9.68
HO2' GDP C . -26.69 -7.33 10.90
H1' GDP C . -27.37 -7.30 7.86
H8 GDP C . -24.20 -5.23 8.64
HN21 GDP C . -26.48 -11.39 5.43
HN22 GDP C . -26.13 -10.65 3.89
PB GDP D . 21.28 -1.34 -15.33
O1B GDP D . 22.37 -1.61 -14.35
O2B GDP D . 19.95 -1.62 -14.72
O3B GDP D . 21.56 -2.24 -16.53
O3A GDP D . 21.19 0.23 -15.72
PA GDP D . 22.27 1.37 -15.52
O1A GDP D . 22.35 1.80 -14.06
O2A GDP D . 23.57 0.85 -16.04
O5' GDP D . 21.59 2.53 -16.41
C5' GDP D . 21.59 2.33 -17.79
C4' GDP D . 21.54 3.67 -18.47
O4' GDP D . 20.36 4.39 -18.05
C3' GDP D . 22.69 4.65 -18.22
O3' GDP D . 22.84 5.40 -19.44
C2' GDP D . 22.25 5.62 -17.13
O2' GDP D . 22.72 6.97 -17.11
C1' GDP D . 20.75 5.67 -17.46
N9 GDP D . 19.86 6.08 -16.37
C8 GDP D . 19.72 5.53 -15.16
N7 GDP D . 18.76 6.15 -14.45
C5 GDP D . 18.24 7.13 -15.23
C6 GDP D . 17.21 8.17 -15.08
O6 GDP D . 16.54 8.26 -14.01
N1 GDP D . 16.96 8.99 -16.13
C2 GDP D . 17.64 8.87 -17.27
N2 GDP D . 17.35 9.71 -18.28
N3 GDP D . 18.62 7.94 -17.48
C4 GDP D . 18.95 7.06 -16.51
H4' GDP D . 21.55 3.39 -19.53
H3' GDP D . 23.62 4.15 -17.93
HO3' GDP D . 23.39 6.18 -19.28
H2' GDP D . 22.63 5.25 -16.16
HO2' GDP D . 23.68 6.98 -16.99
H1' GDP D . 20.64 6.49 -18.19
H8 GDP D . 20.32 4.69 -14.79
HN1 GDP D . 16.24 9.73 -16.04
HN21 GDP D . 16.64 10.40 -18.15
HN22 GDP D . 17.85 9.65 -19.13
#